data_8HYC
#
_entry.id   8HYC
#
_cell.length_a   39.053
_cell.length_b   78.384
_cell.length_c   131.614
_cell.angle_alpha   90.00
_cell.angle_beta   90.00
_cell.angle_gamma   90.00
#
_symmetry.space_group_name_H-M   'P 21 21 21'
#
loop_
_entity.id
_entity.type
_entity.pdbx_description
1 polymer 'Metallo-beta-lactamase type 2'
2 non-polymer 'ZINC ION'
3 non-polymer '2-azanyl-5-(2-thiophen-2-ylethyl)-1,3-thiazole-4-carboxylic acid'
4 water water
#
_entity_poly.entity_id   1
_entity_poly.type   'polypeptide(L)'
_entity_poly.pdbx_seq_one_letter_code
;EIRPTIGQQMETGDQRFGDLVFRQLAPNVWQHTSYLDMPGFGAVASNGLIVRDGGRVLVVDTAWTDDQTAQILNWIKQEI
NLPVALAVVTHAHQDKMGGMDALHAAGIATYANALSNQLAPQEGMVAAQHSLTFAANGWVEPATAPNFGPLKVFYPGPGH
TSDNITVGIDGTDIAFGGCLIKDSKAKSLGNLGDADTEHYAASARAFGAAFPKASMIVMSHSAPDSRAAITHTARMADKL
R
;
_entity_poly.pdbx_strand_id   A,B
#
loop_
_chem_comp.id
_chem_comp.type
_chem_comp.name
_chem_comp.formula
60J non-polymer '2-azanyl-5-(2-thiophen-2-ylethyl)-1,3-thiazole-4-carboxylic acid' 'C10 H10 N2 O2 S2'
ZN non-polymer 'ZINC ION' 'Zn 2'
#
# COMPACT_ATOMS: atom_id res chain seq x y z
N GLU A 1 0.10 18.32 2.52
CA GLU A 1 -0.94 17.33 2.76
C GLU A 1 -1.90 17.21 1.57
N ILE A 2 -1.65 16.46 0.50
CA ILE A 2 -0.48 15.65 0.22
C ILE A 2 -0.28 14.59 1.30
N ARG A 3 -1.31 13.85 1.63
CA ARG A 3 -1.22 12.80 2.66
C ARG A 3 -1.47 11.44 2.03
N PRO A 4 -0.40 10.72 1.71
CA PRO A 4 -0.53 9.44 1.03
C PRO A 4 -1.17 8.28 1.75
N THR A 5 -1.32 7.25 0.97
CA THR A 5 -1.76 5.98 1.43
C THR A 5 -0.44 5.14 1.43
N ILE A 6 0.23 5.10 0.28
CA ILE A 6 1.52 4.43 0.06
C ILE A 6 2.53 5.47 -0.31
N GLY A 7 3.79 5.17 0.02
CA GLY A 7 4.93 6.02 -0.20
C GLY A 7 5.37 6.72 1.07
N GLN A 8 6.18 7.77 0.87
CA GLN A 8 6.67 8.60 1.96
C GLN A 8 5.74 9.78 2.22
N GLN A 9 5.65 10.17 3.48
CA GLN A 9 4.91 11.36 3.89
C GLN A 9 5.79 12.59 3.78
N MET A 10 5.21 13.77 4.00
CA MET A 10 5.96 15.01 3.87
C MET A 10 6.93 15.17 5.04
N GLU A 11 8.11 15.70 4.74
CA GLU A 11 9.18 15.88 5.71
C GLU A 11 9.97 17.12 5.34
N THR A 12 10.85 17.53 6.25
CA THR A 12 11.64 18.73 6.01
C THR A 12 12.68 18.49 4.93
N GLY A 13 12.87 19.49 4.08
CA GLY A 13 13.68 19.37 2.90
C GLY A 13 12.88 19.17 1.63
N ASP A 14 11.58 18.92 1.75
CA ASP A 14 10.67 18.83 0.63
C ASP A 14 10.14 20.20 0.26
N GLN A 15 9.70 20.31 -1.00
CA GLN A 15 9.07 21.52 -1.53
C GLN A 15 7.85 21.10 -2.34
N ARG A 16 6.67 21.50 -1.89
CA ARG A 16 5.46 21.26 -2.65
C ARG A 16 5.46 22.12 -3.92
N PHE A 17 4.81 21.61 -4.96
CA PHE A 17 4.65 22.41 -6.17
C PHE A 17 3.42 21.85 -6.89
N GLY A 18 2.29 22.52 -6.70
CA GLY A 18 1.06 21.95 -7.17
C GLY A 18 0.78 20.66 -6.43
N ASP A 19 0.41 19.63 -7.19
CA ASP A 19 0.06 18.34 -6.64
C ASP A 19 1.28 17.43 -6.50
N LEU A 20 2.48 17.99 -6.55
CA LEU A 20 3.70 17.20 -6.55
C LEU A 20 4.62 17.75 -5.47
N VAL A 21 5.60 16.93 -5.11
CA VAL A 21 6.62 17.26 -4.13
C VAL A 21 7.99 16.99 -4.77
N PHE A 22 8.93 17.89 -4.51
CA PHE A 22 10.30 17.76 -4.96
C PHE A 22 11.22 17.83 -3.76
N ARG A 23 12.26 17.02 -3.79
CA ARG A 23 13.26 17.00 -2.73
C ARG A 23 14.62 16.95 -3.39
N GLN A 24 15.49 17.88 -3.02
CA GLN A 24 16.84 17.90 -3.56
C GLN A 24 17.66 16.83 -2.87
N LEU A 25 18.30 15.96 -3.66
CA LEU A 25 19.16 14.93 -3.07
C LEU A 25 20.64 15.23 -3.21
N ALA A 26 21.02 16.08 -4.14
CA ALA A 26 22.43 16.41 -4.33
C ALA A 26 22.49 17.67 -5.18
N PRO A 27 23.67 18.25 -5.34
CA PRO A 27 23.76 19.53 -6.07
C PRO A 27 23.08 19.54 -7.42
N ASN A 28 23.02 18.42 -8.10
CA ASN A 28 22.42 18.38 -9.39
C ASN A 28 21.36 17.29 -9.61
N VAL A 29 20.78 16.82 -8.52
CA VAL A 29 19.79 15.75 -8.57
C VAL A 29 18.64 16.04 -7.62
N TRP A 30 17.42 15.85 -8.10
CA TRP A 30 16.20 16.02 -7.32
C TRP A 30 15.31 14.80 -7.49
N GLN A 31 14.56 14.47 -6.44
CA GLN A 31 13.48 13.48 -6.52
C GLN A 31 12.13 14.16 -6.77
N HIS A 32 11.39 13.68 -7.77
CA HIS A 32 10.00 14.12 -7.99
C HIS A 32 9.03 13.06 -7.48
N THR A 33 7.98 13.50 -6.79
CA THR A 33 6.98 12.62 -6.21
C THR A 33 5.60 13.08 -6.66
N SER A 34 4.80 12.17 -7.22
CA SER A 34 3.44 12.44 -7.66
C SER A 34 2.54 11.33 -7.13
N TYR A 35 1.31 11.70 -6.85
CA TYR A 35 0.37 10.82 -6.17
C TYR A 35 -0.80 10.52 -7.10
N LEU A 36 -1.30 9.28 -7.07
CA LEU A 36 -2.49 8.85 -7.79
C LEU A 36 -3.62 8.61 -6.80
N ASP A 37 -4.79 9.17 -7.08
CA ASP A 37 -5.97 8.97 -6.23
C ASP A 37 -6.76 7.78 -6.75
N MET A 38 -6.70 6.67 -6.01
CA MET A 38 -7.52 5.49 -6.22
C MET A 38 -8.68 5.52 -5.24
N PRO A 39 -9.84 6.08 -5.60
CA PRO A 39 -11.04 5.96 -4.75
C PRO A 39 -11.09 4.69 -3.91
N GLY A 40 -11.62 4.80 -2.70
CA GLY A 40 -11.65 3.70 -1.77
C GLY A 40 -10.29 3.24 -1.29
N PHE A 41 -9.21 3.75 -1.86
CA PHE A 41 -7.86 3.38 -1.43
C PHE A 41 -7.01 4.59 -1.06
N GLY A 42 -7.16 5.70 -1.78
CA GLY A 42 -6.43 6.92 -1.47
C GLY A 42 -5.25 7.18 -2.40
N ALA A 43 -4.21 7.77 -1.84
CA ALA A 43 -3.13 8.39 -2.60
C ALA A 43 -1.91 7.47 -2.60
N VAL A 44 -1.49 7.06 -3.78
CA VAL A 44 -0.27 6.29 -3.96
C VAL A 44 0.79 7.21 -4.54
N ALA A 45 1.90 7.31 -3.83
CA ALA A 45 3.06 8.11 -4.25
C ALA A 45 3.96 7.30 -5.15
N SER A 46 4.50 7.97 -6.18
CA SER A 46 5.60 7.43 -7.00
C SER A 46 6.71 8.46 -7.15
N ASN A 47 7.94 8.03 -7.01
CA ASN A 47 9.10 8.85 -7.15
C ASN A 47 9.94 8.60 -8.43
N GLY A 48 10.41 9.68 -9.05
CA GLY A 48 11.30 9.64 -10.18
C GLY A 48 12.51 10.53 -9.87
N LEU A 49 13.39 10.80 -10.84
CA LEU A 49 14.52 11.70 -10.67
C LEU A 49 14.57 12.77 -11.74
N ILE A 50 15.21 13.88 -11.35
CA ILE A 50 15.53 15.02 -12.20
C ILE A 50 17.02 15.26 -12.03
N VAL A 51 17.76 15.26 -13.14
CA VAL A 51 19.22 15.40 -13.08
C VAL A 51 19.63 16.59 -13.94
N ARG A 52 20.36 17.55 -13.33
CA ARG A 52 21.05 18.60 -14.06
C ARG A 52 22.45 18.12 -14.44
N ASP A 53 22.69 18.01 -15.74
CA ASP A 53 24.00 17.63 -16.26
C ASP A 53 24.51 18.76 -17.13
N GLY A 54 25.37 19.58 -16.54
CA GLY A 54 25.89 20.73 -17.22
C GLY A 54 24.80 21.73 -17.50
N GLY A 55 24.31 21.74 -18.75
CA GLY A 55 23.36 22.74 -19.20
C GLY A 55 22.05 22.18 -19.70
N ARG A 56 21.79 20.91 -19.42
CA ARG A 56 20.51 20.30 -19.74
C ARG A 56 20.00 19.52 -18.54
N VAL A 57 18.73 19.14 -18.61
CA VAL A 57 18.11 18.35 -17.57
C VAL A 57 17.67 17.03 -18.17
N LEU A 58 17.85 15.96 -17.39
CA LEU A 58 17.50 14.60 -17.76
C LEU A 58 16.50 14.10 -16.73
N VAL A 59 15.42 13.48 -17.21
CA VAL A 59 14.34 13.03 -16.35
C VAL A 59 14.33 11.51 -16.34
N VAL A 60 14.17 10.94 -15.14
CA VAL A 60 13.94 9.52 -14.96
C VAL A 60 12.52 9.32 -14.43
N ASP A 61 11.67 8.74 -15.29
CA ASP A 61 10.26 8.40 -15.07
C ASP A 61 9.27 9.57 -15.24
N THR A 62 8.09 9.30 -15.73
CA THR A 62 7.08 10.32 -15.77
C THR A 62 6.37 10.29 -14.43
N ALA A 63 5.38 11.14 -14.28
CA ALA A 63 4.41 11.08 -13.20
C ALA A 63 3.26 10.16 -13.64
N TRP A 64 2.22 10.04 -12.83
CA TRP A 64 1.16 9.08 -13.16
C TRP A 64 0.35 9.54 -14.36
N THR A 65 0.31 10.86 -14.60
CA THR A 65 -0.53 11.44 -15.64
C THR A 65 0.26 12.44 -16.48
N ASP A 66 -0.28 12.68 -17.68
CA ASP A 66 0.18 13.79 -18.51
C ASP A 66 0.14 15.09 -17.72
N ASP A 67 -0.98 15.34 -17.02
CA ASP A 67 -1.12 16.61 -16.33
C ASP A 67 -0.03 16.81 -15.30
N GLN A 68 0.22 15.77 -14.48
CA GLN A 68 1.26 15.85 -13.47
C GLN A 68 2.64 15.96 -14.10
N THR A 69 2.81 15.29 -15.24
CA THR A 69 4.11 15.29 -15.90
C THR A 69 4.41 16.66 -16.50
N ALA A 70 3.39 17.32 -17.10
CA ALA A 70 3.55 18.73 -17.46
C ALA A 70 3.92 19.57 -16.26
N GLN A 71 3.34 19.28 -15.10
CA GLN A 71 3.68 20.04 -13.91
C GLN A 71 5.15 19.85 -13.53
N ILE A 72 5.69 18.64 -13.72
CA ILE A 72 7.12 18.46 -13.52
C ILE A 72 7.91 19.37 -14.44
N LEU A 73 7.49 19.44 -15.71
CA LEU A 73 8.19 20.28 -16.67
C LEU A 73 8.13 21.76 -16.26
N ASN A 74 7.00 22.22 -15.77
CA ASN A 74 6.91 23.60 -15.29
C ASN A 74 7.78 23.81 -14.04
N TRP A 75 7.84 22.85 -13.15
CA TRP A 75 8.73 23.00 -12.01
C TRP A 75 10.17 23.13 -12.48
N ILE A 76 10.59 22.29 -13.43
CA ILE A 76 11.96 22.39 -13.92
C ILE A 76 12.20 23.78 -14.50
N LYS A 77 11.27 24.25 -15.33
CA LYS A 77 11.35 25.61 -15.88
C LYS A 77 11.53 26.65 -14.78
N GLN A 78 10.77 26.52 -13.69
CA GLN A 78 10.79 27.55 -12.65
C GLN A 78 12.06 27.48 -11.82
N GLU A 79 12.51 26.27 -11.45
CA GLU A 79 13.60 26.13 -10.48
C GLU A 79 14.95 25.86 -11.10
N ILE A 80 15.01 25.39 -12.33
CA ILE A 80 16.26 25.06 -13.01
C ILE A 80 16.46 25.92 -14.25
N ASN A 81 15.43 26.06 -15.06
CA ASN A 81 15.48 26.86 -16.27
C ASN A 81 16.55 26.49 -17.24
N LEU A 82 16.54 25.23 -17.60
CA LEU A 82 17.45 24.63 -18.59
C LEU A 82 16.65 23.68 -19.44
N PRO A 83 17.03 23.50 -20.70
CA PRO A 83 16.30 22.58 -21.59
C PRO A 83 16.28 21.15 -21.06
N VAL A 84 15.14 20.47 -21.23
CA VAL A 84 15.05 19.06 -20.88
C VAL A 84 15.36 18.24 -22.13
N ALA A 85 16.52 17.60 -22.12
CA ALA A 85 17.07 16.92 -23.28
C ALA A 85 16.36 15.59 -23.50
N LEU A 86 16.24 14.77 -22.45
CA LEU A 86 15.66 13.46 -22.63
C LEU A 86 15.07 12.97 -21.31
N ALA A 87 14.28 11.91 -21.43
CA ALA A 87 13.82 11.15 -20.27
C ALA A 87 13.99 9.66 -20.52
N VAL A 88 14.44 8.94 -19.49
CA VAL A 88 14.45 7.48 -19.49
C VAL A 88 13.33 7.02 -18.56
N VAL A 89 12.49 6.11 -19.04
CA VAL A 89 11.37 5.55 -18.30
C VAL A 89 11.71 4.09 -17.99
N THR A 90 11.50 3.71 -16.76
CA THR A 90 11.96 2.46 -16.17
C THR A 90 11.17 1.17 -16.18
N HIS A 91 9.95 1.21 -16.64
CA HIS A 91 9.10 0.06 -16.96
C HIS A 91 7.68 0.46 -17.41
N ALA A 92 6.96 -0.45 -18.05
CA ALA A 92 5.68 -0.09 -18.61
C ALA A 92 4.57 -0.27 -17.57
N HIS A 93 4.57 0.64 -16.60
CA HIS A 93 3.49 0.79 -15.65
C HIS A 93 3.11 2.25 -15.53
N GLN A 94 1.90 2.51 -15.04
CA GLN A 94 1.34 3.86 -15.06
C GLN A 94 2.23 4.84 -14.33
N ASP A 95 2.80 4.42 -13.19
CA ASP A 95 3.60 5.29 -12.34
C ASP A 95 4.90 5.73 -12.98
N LYS A 96 5.41 5.00 -13.95
CA LYS A 96 6.63 5.34 -14.61
C LYS A 96 6.50 5.88 -16.02
N MET A 97 5.35 5.62 -16.68
CA MET A 97 5.13 5.97 -18.08
C MET A 97 3.76 6.60 -18.34
N GLY A 98 3.01 6.98 -17.30
CA GLY A 98 1.67 7.51 -17.51
C GLY A 98 1.62 8.85 -18.23
N GLY A 99 2.76 9.54 -18.36
CA GLY A 99 2.86 10.89 -18.86
C GLY A 99 3.68 11.05 -20.13
N MET A 100 3.92 9.95 -20.84
CA MET A 100 4.66 10.03 -22.09
C MET A 100 4.16 11.12 -23.02
N ASP A 101 2.84 11.26 -23.19
CA ASP A 101 2.33 12.23 -24.16
C ASP A 101 2.76 13.64 -23.80
N ALA A 102 2.84 13.95 -22.51
CA ALA A 102 3.32 15.25 -22.03
C ALA A 102 4.77 15.51 -22.41
N LEU A 103 5.63 14.51 -22.25
CA LEU A 103 7.02 14.67 -22.68
C LEU A 103 7.13 14.85 -24.19
N HIS A 104 6.38 14.06 -24.95
CA HIS A 104 6.47 14.13 -26.41
C HIS A 104 5.90 15.41 -26.96
N ALA A 105 4.94 16.02 -26.26
CA ALA A 105 4.44 17.32 -26.70
C ALA A 105 5.50 18.39 -26.55
N ALA A 106 6.26 18.34 -25.46
CA ALA A 106 7.26 19.35 -25.13
C ALA A 106 8.58 19.13 -25.84
N GLY A 107 8.65 18.18 -26.76
CA GLY A 107 9.84 17.99 -27.55
C GLY A 107 10.93 17.15 -26.91
N ILE A 108 10.64 16.53 -25.77
CA ILE A 108 11.65 15.77 -25.03
C ILE A 108 11.81 14.38 -25.65
N ALA A 109 13.05 13.96 -25.87
CA ALA A 109 13.30 12.67 -26.49
C ALA A 109 13.19 11.57 -25.43
N THR A 110 12.50 10.48 -25.75
CA THR A 110 12.19 9.51 -24.72
C THR A 110 12.77 8.14 -25.05
N TYR A 111 13.20 7.46 -24.00
CA TYR A 111 13.90 6.19 -24.12
C TYR A 111 13.33 5.23 -23.10
N ALA A 112 13.25 3.97 -23.49
CA ALA A 112 12.74 2.90 -22.63
C ALA A 112 13.34 1.59 -23.12
N ASN A 113 13.40 0.62 -22.26
CA ASN A 113 13.82 -0.70 -22.64
C ASN A 113 12.91 -1.13 -23.79
N ALA A 114 13.45 -1.75 -24.82
CA ALA A 114 12.67 -2.23 -25.95
C ALA A 114 11.48 -3.00 -25.45
N LEU A 115 11.70 -3.85 -24.44
CA LEU A 115 10.60 -4.65 -23.92
C LEU A 115 9.51 -3.79 -23.31
N SER A 116 9.86 -2.65 -22.72
CA SER A 116 8.87 -1.76 -22.17
C SER A 116 8.04 -1.18 -23.29
N ASN A 117 8.69 -0.83 -24.37
CA ASN A 117 7.98 -0.27 -25.47
C ASN A 117 7.05 -1.31 -26.11
N GLN A 118 7.45 -2.58 -26.14
CA GLN A 118 6.60 -3.62 -26.72
C GLN A 118 5.41 -3.91 -25.80
N LEU A 119 5.65 -3.88 -24.49
CA LEU A 119 4.61 -4.06 -23.49
C LEU A 119 3.68 -2.85 -23.40
N ALA A 120 4.20 -1.64 -23.66
CA ALA A 120 3.51 -0.40 -23.32
C ALA A 120 2.02 -0.40 -23.67
N PRO A 121 1.64 -0.66 -24.92
CA PRO A 121 0.19 -0.61 -25.23
C PRO A 121 -0.64 -1.63 -24.44
N GLN A 122 -0.11 -2.85 -24.28
N GLN A 122 -0.10 -2.84 -24.26
CA GLN A 122 -0.77 -3.84 -23.45
CA GLN A 122 -0.78 -3.85 -23.47
C GLN A 122 -0.97 -3.35 -22.03
C GLN A 122 -0.84 -3.49 -21.99
N GLU A 123 -0.08 -2.49 -21.55
CA GLU A 123 -0.12 -2.01 -20.17
C GLU A 123 -0.81 -0.66 -20.07
N GLY A 124 -1.49 -0.23 -21.14
CA GLY A 124 -2.21 1.02 -21.15
C GLY A 124 -1.34 2.25 -21.30
N MET A 125 -0.10 2.09 -21.80
CA MET A 125 0.88 3.16 -21.85
C MET A 125 1.19 3.51 -23.30
N VAL A 126 1.60 4.76 -23.52
CA VAL A 126 2.27 5.17 -24.75
C VAL A 126 3.73 4.75 -24.68
N ALA A 127 4.28 4.28 -25.80
CA ALA A 127 5.67 3.84 -25.89
C ALA A 127 6.61 5.04 -25.95
N ALA A 128 7.81 4.87 -25.41
CA ALA A 128 8.84 5.87 -25.67
C ALA A 128 9.15 5.92 -27.18
N GLN A 129 9.80 7.00 -27.60
CA GLN A 129 10.20 7.13 -29.00
C GLN A 129 11.30 6.15 -29.39
N HIS A 130 12.19 5.82 -28.45
CA HIS A 130 13.40 5.05 -28.72
C HIS A 130 13.56 3.89 -27.75
N SER A 131 14.17 2.81 -28.22
CA SER A 131 14.31 1.59 -27.43
C SER A 131 15.77 1.44 -27.02
N LEU A 132 15.99 1.30 -25.72
CA LEU A 132 17.26 0.80 -25.21
C LEU A 132 17.29 -0.73 -25.31
N THR A 133 18.46 -1.27 -25.66
CA THR A 133 18.73 -2.69 -25.63
C THR A 133 19.96 -2.92 -24.75
N PHE A 134 20.13 -4.17 -24.35
CA PHE A 134 21.06 -4.46 -23.25
C PHE A 134 21.90 -5.68 -23.58
N ALA A 135 23.14 -5.62 -23.11
CA ALA A 135 24.05 -6.74 -23.23
C ALA A 135 23.60 -7.85 -22.28
N ALA A 136 24.22 -9.02 -22.46
CA ALA A 136 23.85 -10.16 -21.65
C ALA A 136 24.16 -9.94 -20.19
N ASN A 137 25.12 -9.05 -19.94
CA ASN A 137 25.54 -8.67 -18.60
C ASN A 137 24.67 -7.58 -17.97
N GLY A 138 23.68 -7.09 -18.72
CA GLY A 138 22.74 -6.13 -18.21
C GLY A 138 23.00 -4.68 -18.56
N TRP A 139 24.21 -4.33 -18.99
CA TRP A 139 24.50 -2.93 -19.27
C TRP A 139 23.92 -2.51 -20.62
N VAL A 140 23.38 -1.29 -20.68
CA VAL A 140 22.78 -0.83 -21.92
C VAL A 140 23.80 -0.86 -23.03
N GLU A 141 23.40 -1.15 -24.25
CA GLU A 141 24.28 -1.10 -25.41
C GLU A 141 24.41 0.37 -25.74
N PRO A 142 25.64 0.86 -25.75
CA PRO A 142 25.84 2.31 -25.73
C PRO A 142 25.31 3.05 -26.94
N ALA A 143 25.38 2.45 -28.14
CA ALA A 143 24.78 3.06 -29.32
C ALA A 143 23.34 3.50 -29.07
N THR A 144 22.58 2.72 -28.29
CA THR A 144 21.15 2.95 -28.11
C THR A 144 20.85 4.01 -27.05
N ALA A 145 21.89 4.48 -26.36
CA ALA A 145 21.76 5.45 -25.26
C ALA A 145 22.66 6.66 -25.54
N PRO A 146 22.44 7.38 -26.63
CA PRO A 146 23.37 8.46 -26.99
C PRO A 146 23.22 9.69 -26.10
N ASN A 147 24.34 10.32 -25.78
CA ASN A 147 24.38 11.51 -24.98
C ASN A 147 23.58 11.41 -23.72
N PHE A 148 23.92 10.42 -22.92
CA PHE A 148 23.22 10.21 -21.66
C PHE A 148 23.93 10.86 -20.49
N GLY A 149 25.04 11.55 -20.74
CA GLY A 149 25.74 12.29 -19.73
C GLY A 149 26.17 11.37 -18.61
N PRO A 150 25.72 11.64 -17.39
CA PRO A 150 26.12 10.78 -16.27
C PRO A 150 25.22 9.58 -16.03
N LEU A 151 24.15 9.39 -16.82
CA LEU A 151 23.21 8.34 -16.52
C LEU A 151 23.79 7.01 -16.96
N LYS A 152 23.88 6.06 -16.03
CA LYS A 152 24.35 4.71 -16.31
C LYS A 152 23.15 3.77 -16.17
N VAL A 153 22.73 3.16 -17.27
CA VAL A 153 21.45 2.48 -17.33
C VAL A 153 21.73 0.99 -17.34
N PHE A 154 21.18 0.29 -16.36
CA PHE A 154 21.34 -1.16 -16.21
C PHE A 154 20.02 -1.92 -16.15
N TYR A 155 19.95 -3.01 -16.91
CA TYR A 155 18.85 -3.96 -16.84
C TYR A 155 19.27 -5.08 -15.91
N PRO A 156 18.66 -5.21 -14.72
CA PRO A 156 19.18 -6.18 -13.73
C PRO A 156 18.65 -7.59 -13.90
N GLY A 157 17.70 -7.78 -14.80
CA GLY A 157 16.98 -9.02 -14.94
C GLY A 157 15.54 -8.89 -14.48
N PRO A 158 14.71 -9.89 -14.76
CA PRO A 158 13.30 -9.80 -14.39
C PRO A 158 13.12 -9.78 -12.88
N GLY A 159 12.17 -8.97 -12.41
CA GLY A 159 11.94 -8.81 -10.99
C GLY A 159 10.53 -8.34 -10.72
N HIS A 160 10.40 -7.04 -10.45
CA HIS A 160 9.08 -6.49 -10.29
C HIS A 160 8.29 -6.62 -11.57
N THR A 161 8.96 -6.44 -12.71
CA THR A 161 8.43 -6.82 -14.00
C THR A 161 9.56 -7.44 -14.81
N SER A 162 9.24 -8.01 -15.96
CA SER A 162 10.35 -8.50 -16.75
C SER A 162 11.13 -7.37 -17.40
N ASP A 163 10.59 -6.16 -17.44
CA ASP A 163 11.15 -5.12 -18.27
C ASP A 163 11.85 -4.07 -17.43
N ASN A 164 11.76 -4.19 -16.12
CA ASN A 164 12.33 -3.20 -15.23
C ASN A 164 13.79 -2.86 -15.42
N ILE A 165 14.11 -1.57 -15.49
CA ILE A 165 15.50 -1.14 -15.56
C ILE A 165 15.84 -0.20 -14.40
N THR A 166 17.13 0.11 -14.33
CA THR A 166 17.68 0.89 -13.22
C THR A 166 18.74 1.85 -13.73
N VAL A 167 19.02 2.87 -12.94
CA VAL A 167 19.81 4.02 -13.38
C VAL A 167 20.71 4.47 -12.25
N GLY A 168 22.01 4.53 -12.50
CA GLY A 168 22.93 5.19 -11.60
C GLY A 168 23.29 6.54 -12.15
N ILE A 169 23.74 7.42 -11.27
CA ILE A 169 24.11 8.76 -11.66
C ILE A 169 25.60 8.90 -11.35
N ASP A 170 26.44 8.82 -12.38
CA ASP A 170 27.88 8.88 -12.15
C ASP A 170 28.23 10.19 -11.45
N GLY A 171 29.25 10.15 -10.59
CA GLY A 171 29.68 11.34 -9.90
C GLY A 171 28.74 11.80 -8.82
N THR A 172 27.92 10.89 -8.30
CA THR A 172 27.03 11.09 -7.17
C THR A 172 27.00 9.79 -6.39
N ASP A 173 26.32 9.80 -5.26
CA ASP A 173 26.18 8.60 -4.45
C ASP A 173 24.84 7.92 -4.66
N ILE A 174 24.19 8.19 -5.79
CA ILE A 174 22.80 7.82 -5.99
C ILE A 174 22.69 6.75 -7.06
N ALA A 175 21.85 5.76 -6.77
CA ALA A 175 21.36 4.86 -7.80
C ALA A 175 19.85 4.69 -7.61
N PHE A 176 19.13 4.49 -8.72
CA PHE A 176 17.67 4.47 -8.71
C PHE A 176 17.23 3.04 -9.04
N GLY A 177 16.57 2.39 -8.10
CA GLY A 177 16.05 1.05 -8.32
C GLY A 177 14.66 1.02 -8.85
N GLY A 178 13.98 2.15 -8.93
CA GLY A 178 12.66 2.08 -9.51
C GLY A 178 11.73 1.23 -8.66
N CYS A 179 10.83 0.48 -9.31
CA CYS A 179 9.95 -0.37 -8.52
C CYS A 179 10.58 -1.73 -8.19
N LEU A 180 11.83 -1.96 -8.60
CA LEU A 180 12.51 -3.21 -8.25
C LEU A 180 12.87 -3.26 -6.78
N ILE A 181 13.26 -2.14 -6.21
CA ILE A 181 13.81 -2.13 -4.86
C ILE A 181 12.75 -1.52 -3.96
N LYS A 182 12.60 -2.12 -2.78
CA LYS A 182 11.77 -1.63 -1.69
C LYS A 182 12.68 -1.33 -0.51
N ASP A 183 12.15 -0.57 0.46
CA ASP A 183 13.00 -0.03 1.51
C ASP A 183 13.36 -1.09 2.55
N SER A 184 14.34 -0.75 3.38
CA SER A 184 14.91 -1.75 4.29
C SER A 184 13.92 -2.23 5.34
N LYS A 185 12.91 -1.44 5.66
CA LYS A 185 11.92 -1.82 6.64
C LYS A 185 10.65 -2.37 6.00
N ALA A 186 10.57 -2.36 4.68
CA ALA A 186 9.35 -2.77 4.00
C ALA A 186 8.93 -4.14 4.48
N LYS A 187 7.63 -4.38 4.40
CA LYS A 187 7.05 -5.65 4.79
C LYS A 187 6.74 -6.53 3.59
N SER A 188 6.76 -5.98 2.38
CA SER A 188 6.51 -6.76 1.18
C SER A 188 7.23 -6.12 0.00
N LEU A 189 7.06 -6.73 -1.17
CA LEU A 189 7.66 -6.25 -2.41
C LEU A 189 6.65 -5.57 -3.30
N GLY A 190 5.65 -4.92 -2.69
CA GLY A 190 4.72 -4.13 -3.48
C GLY A 190 3.92 -5.02 -4.41
N ASN A 191 3.63 -4.50 -5.58
CA ASN A 191 2.87 -5.27 -6.52
C ASN A 191 3.65 -6.28 -7.27
N LEU A 192 3.38 -7.55 -6.94
CA LEU A 192 4.02 -8.66 -7.62
C LEU A 192 3.16 -9.27 -8.73
N GLY A 193 2.08 -8.62 -9.13
CA GLY A 193 1.20 -9.22 -10.12
C GLY A 193 1.86 -9.53 -11.46
N ASP A 194 2.88 -8.76 -11.84
CA ASP A 194 3.65 -9.04 -13.05
C ASP A 194 5.08 -9.48 -12.71
N ALA A 195 5.34 -9.87 -11.47
CA ALA A 195 6.71 -10.09 -10.98
C ALA A 195 7.26 -11.46 -11.40
N ASP A 196 8.60 -11.57 -11.40
CA ASP A 196 9.28 -12.83 -11.69
C ASP A 196 9.78 -13.33 -10.36
N THR A 197 8.98 -14.22 -9.75
CA THR A 197 9.27 -14.67 -8.39
C THR A 197 10.52 -15.53 -8.34
N GLU A 198 10.84 -16.23 -9.43
CA GLU A 198 12.01 -17.11 -9.41
C GLU A 198 13.32 -16.31 -9.53
N HIS A 199 13.33 -15.25 -10.33
CA HIS A 199 14.55 -14.53 -10.63
C HIS A 199 14.69 -13.22 -9.88
N TYR A 200 13.66 -12.80 -9.14
CA TYR A 200 13.67 -11.49 -8.50
C TYR A 200 14.94 -11.25 -7.69
N ALA A 201 15.31 -12.20 -6.81
CA ALA A 201 16.39 -11.96 -5.85
C ALA A 201 17.72 -11.74 -6.57
N ALA A 202 18.05 -12.59 -7.55
CA ALA A 202 19.23 -12.38 -8.39
C ALA A 202 19.21 -11.00 -9.05
N SER A 203 18.04 -10.50 -9.45
CA SER A 203 18.00 -9.23 -10.15
C SER A 203 18.20 -8.08 -9.21
N ALA A 204 17.68 -8.19 -7.99
CA ALA A 204 17.98 -7.22 -6.94
C ALA A 204 19.46 -7.23 -6.59
N ARG A 205 20.05 -8.41 -6.45
CA ARG A 205 21.48 -8.46 -6.19
C ARG A 205 22.27 -7.92 -7.37
N ALA A 206 21.85 -8.20 -8.61
CA ALA A 206 22.56 -7.65 -9.76
C ALA A 206 22.53 -6.13 -9.76
N PHE A 207 21.39 -5.52 -9.42
CA PHE A 207 21.35 -4.08 -9.24
C PHE A 207 22.41 -3.59 -8.26
N GLY A 208 22.49 -4.20 -7.08
CA GLY A 208 23.46 -3.76 -6.12
C GLY A 208 24.87 -3.90 -6.64
N ALA A 209 25.15 -4.99 -7.34
CA ALA A 209 26.54 -5.21 -7.75
C ALA A 209 26.92 -4.29 -8.90
N ALA A 210 25.92 -3.80 -9.63
CA ALA A 210 26.21 -2.98 -10.80
C ALA A 210 26.53 -1.55 -10.42
N PHE A 211 26.05 -1.13 -9.26
CA PHE A 211 26.23 0.24 -8.77
C PHE A 211 26.78 0.13 -7.37
N PRO A 212 27.98 -0.43 -7.24
CA PRO A 212 28.47 -0.78 -5.91
C PRO A 212 28.80 0.42 -5.07
N LYS A 213 29.00 1.58 -5.68
CA LYS A 213 29.44 2.77 -4.97
C LYS A 213 28.28 3.48 -4.31
N ALA A 214 27.11 3.44 -4.91
CA ALA A 214 26.04 4.29 -4.44
C ALA A 214 25.63 3.95 -3.03
N SER A 215 25.39 4.99 -2.24
CA SER A 215 24.99 4.82 -0.86
C SER A 215 23.59 5.31 -0.64
N MET A 216 23.04 6.06 -1.57
CA MET A 216 21.68 6.55 -1.48
C MET A 216 20.90 5.81 -2.55
N ILE A 217 19.99 4.93 -2.13
CA ILE A 217 19.18 4.10 -3.02
C ILE A 217 17.84 4.78 -3.11
N VAL A 218 17.54 5.26 -4.27
CA VAL A 218 16.25 5.89 -4.55
C VAL A 218 15.36 4.84 -5.17
N MET A 219 14.07 4.91 -4.84
CA MET A 219 13.11 3.94 -5.34
C MET A 219 11.74 4.56 -5.44
N SER A 220 10.86 3.86 -6.19
CA SER A 220 9.64 4.49 -6.69
C SER A 220 8.63 4.76 -5.57
N HIS A 221 8.55 3.90 -4.55
CA HIS A 221 7.44 3.93 -3.61
C HIS A 221 7.85 4.10 -2.15
N SER A 222 9.07 4.63 -1.90
CA SER A 222 9.57 4.95 -0.57
C SER A 222 10.61 6.06 -0.69
N ALA A 223 10.90 6.70 0.45
CA ALA A 223 11.93 7.72 0.46
C ALA A 223 13.30 7.08 0.29
N PRO A 224 14.27 7.85 -0.20
CA PRO A 224 15.62 7.30 -0.37
C PRO A 224 16.11 6.62 0.89
N ASP A 225 16.81 5.51 0.73
CA ASP A 225 17.29 4.70 1.84
C ASP A 225 18.73 4.33 1.56
N SER A 226 19.32 3.58 2.50
CA SER A 226 20.66 3.06 2.40
C SER A 226 20.67 1.79 1.54
N ARG A 227 21.86 1.24 1.35
CA ARG A 227 22.04 -0.04 0.69
C ARG A 227 21.28 -1.17 1.37
N ALA A 228 20.82 -0.97 2.61
CA ALA A 228 20.06 -2.01 3.30
C ALA A 228 18.80 -2.35 2.55
N ALA A 229 18.29 -1.38 1.80
CA ALA A 229 17.13 -1.64 0.97
C ALA A 229 17.44 -2.71 -0.05
N ILE A 230 18.68 -2.75 -0.56
CA ILE A 230 18.99 -3.74 -1.59
C ILE A 230 19.02 -5.13 -0.98
N THR A 231 19.74 -5.31 0.12
CA THR A 231 19.85 -6.62 0.73
C THR A 231 18.52 -7.06 1.30
N HIS A 232 17.73 -6.11 1.82
CA HIS A 232 16.41 -6.43 2.34
C HIS A 232 15.47 -6.86 1.22
N THR A 233 15.48 -6.15 0.09
CA THR A 233 14.67 -6.58 -1.03
C THR A 233 15.08 -7.97 -1.48
N ALA A 234 16.39 -8.23 -1.50
CA ALA A 234 16.89 -9.52 -1.98
C ALA A 234 16.49 -10.67 -1.06
N ARG A 235 16.59 -10.50 0.26
CA ARG A 235 16.09 -11.52 1.19
C ARG A 235 14.58 -11.75 1.03
N MET A 236 13.79 -10.69 0.94
CA MET A 236 12.36 -10.87 0.78
C MET A 236 12.06 -11.63 -0.51
N ALA A 237 12.83 -11.36 -1.56
CA ALA A 237 12.66 -12.13 -2.79
C ALA A 237 13.11 -13.57 -2.61
N ASP A 238 14.13 -13.83 -1.79
CA ASP A 238 14.60 -15.20 -1.58
C ASP A 238 13.46 -16.09 -1.10
N LYS A 239 12.53 -15.55 -0.31
CA LYS A 239 11.35 -16.28 0.16
C LYS A 239 10.35 -16.59 -0.96
N LEU A 240 10.50 -16.02 -2.14
CA LEU A 240 9.55 -16.26 -3.22
C LEU A 240 9.86 -17.53 -4.02
N ARG A 241 10.90 -18.28 -3.68
CA ARG A 241 11.36 -19.35 -4.55
C ARG A 241 10.91 -20.72 -4.04
N GLU B 1 0.63 -17.75 -2.79
CA GLU B 1 0.64 -17.04 -4.06
C GLU B 1 -0.76 -16.78 -4.63
N ILE B 2 -1.60 -15.91 -4.03
CA ILE B 2 -1.42 -15.20 -2.74
C ILE B 2 -0.11 -14.41 -2.53
N ARG B 3 0.02 -13.32 -3.27
CA ARG B 3 1.11 -12.36 -3.10
C ARG B 3 0.50 -10.96 -3.13
N PRO B 4 -0.09 -10.51 -2.01
CA PRO B 4 -0.86 -9.26 -2.05
C PRO B 4 0.02 -8.02 -2.13
N THR B 5 -0.36 -7.11 -3.03
CA THR B 5 0.27 -5.80 -3.10
C THR B 5 0.23 -5.11 -1.73
N ILE B 6 -0.95 -5.03 -1.13
CA ILE B 6 -1.13 -4.47 0.20
C ILE B 6 -1.56 -5.57 1.17
N GLY B 7 -1.01 -5.51 2.38
CA GLY B 7 -1.34 -6.49 3.39
C GLY B 7 -0.20 -7.49 3.60
N GLN B 8 -0.38 -8.30 4.64
CA GLN B 8 0.66 -9.23 5.04
C GLN B 8 0.77 -10.38 4.05
N GLN B 9 2.00 -10.69 3.64
CA GLN B 9 2.26 -11.82 2.78
C GLN B 9 1.77 -13.11 3.46
N MET B 10 1.88 -14.22 2.75
CA MET B 10 1.67 -15.48 3.43
C MET B 10 2.94 -15.89 4.17
N GLU B 11 2.80 -16.86 5.05
CA GLU B 11 3.82 -17.15 6.04
C GLU B 11 3.59 -18.55 6.60
N THR B 12 4.30 -18.90 7.65
CA THR B 12 4.09 -20.15 8.34
C THR B 12 2.89 -20.01 9.28
N GLY B 13 2.11 -21.09 9.39
CA GLY B 13 0.92 -21.07 10.22
C GLY B 13 -0.30 -20.48 9.55
N ASP B 14 -0.25 -20.24 8.25
CA ASP B 14 -1.40 -19.76 7.51
C ASP B 14 -2.03 -20.90 6.71
N GLN B 15 -3.34 -20.79 6.50
CA GLN B 15 -4.10 -21.83 5.83
C GLN B 15 -4.91 -21.23 4.70
N ARG B 16 -4.64 -21.66 3.46
CA ARG B 16 -5.38 -21.16 2.33
C ARG B 16 -6.67 -21.94 2.17
N PHE B 17 -7.78 -21.23 2.03
CA PHE B 17 -9.08 -21.86 1.89
C PHE B 17 -9.79 -21.06 0.81
N GLY B 18 -9.91 -21.64 -0.37
CA GLY B 18 -10.49 -20.89 -1.47
C GLY B 18 -9.61 -19.70 -1.79
N ASP B 19 -10.16 -18.50 -1.75
CA ASP B 19 -9.44 -17.28 -2.10
C ASP B 19 -8.99 -16.50 -0.89
N LEU B 20 -9.09 -17.09 0.29
CA LEU B 20 -8.85 -16.42 1.55
C LEU B 20 -7.79 -17.17 2.33
N VAL B 21 -7.34 -16.54 3.41
CA VAL B 21 -6.28 -17.05 4.26
C VAL B 21 -6.72 -16.91 5.71
N PHE B 22 -6.55 -17.97 6.48
CA PHE B 22 -6.88 -17.98 7.90
C PHE B 22 -5.62 -18.23 8.71
N ARG B 23 -5.47 -17.51 9.82
CA ARG B 23 -4.32 -17.67 10.71
C ARG B 23 -4.87 -17.77 12.12
N GLN B 24 -4.48 -18.80 12.85
CA GLN B 24 -4.89 -18.90 14.24
C GLN B 24 -4.02 -17.96 15.07
N LEU B 25 -4.66 -17.12 15.87
CA LEU B 25 -3.98 -16.15 16.72
C LEU B 25 -3.92 -16.59 18.17
N ALA B 26 -4.95 -17.34 18.57
CA ALA B 26 -5.12 -17.83 19.91
C ALA B 26 -5.98 -19.08 19.85
N PRO B 27 -6.08 -19.83 20.95
CA PRO B 27 -6.76 -21.11 20.86
C PRO B 27 -8.15 -20.95 20.26
N ASN B 28 -8.80 -19.84 20.53
CA ASN B 28 -10.18 -19.55 20.11
C ASN B 28 -10.40 -18.34 19.22
N VAL B 29 -9.41 -17.97 18.48
CA VAL B 29 -9.40 -16.73 17.73
C VAL B 29 -8.62 -16.96 16.44
N TRP B 30 -9.26 -16.71 15.31
CA TRP B 30 -8.56 -16.70 14.05
C TRP B 30 -8.74 -15.36 13.35
N GLN B 31 -7.74 -15.03 12.54
CA GLN B 31 -7.79 -13.89 11.65
C GLN B 31 -8.18 -14.42 10.29
N HIS B 32 -9.23 -13.84 9.72
CA HIS B 32 -9.53 -14.06 8.32
C HIS B 32 -8.96 -12.94 7.47
N THR B 33 -8.46 -13.33 6.30
CA THR B 33 -7.95 -12.37 5.31
C THR B 33 -8.57 -12.64 3.95
N SER B 34 -9.18 -11.61 3.35
CA SER B 34 -9.66 -11.66 1.98
C SER B 34 -8.99 -10.56 1.17
N TYR B 35 -9.00 -10.72 -0.15
CA TYR B 35 -8.22 -9.89 -1.05
C TYR B 35 -9.08 -9.26 -2.12
N LEU B 36 -8.88 -7.97 -2.35
CA LEU B 36 -9.49 -7.23 -3.44
C LEU B 36 -8.41 -6.92 -4.46
N ASP B 37 -8.53 -7.45 -5.67
CA ASP B 37 -7.58 -7.10 -6.70
C ASP B 37 -8.02 -5.80 -7.37
N MET B 38 -7.09 -4.85 -7.46
CA MET B 38 -7.41 -3.52 -7.90
C MET B 38 -6.72 -3.30 -9.24
N PRO B 39 -7.47 -3.11 -10.33
CA PRO B 39 -6.87 -3.11 -11.66
C PRO B 39 -5.65 -2.20 -11.70
N GLY B 40 -4.60 -2.69 -12.35
CA GLY B 40 -3.35 -1.94 -12.38
C GLY B 40 -2.86 -1.58 -11.00
N PHE B 41 -3.00 -2.51 -10.05
CA PHE B 41 -2.46 -2.28 -8.72
C PHE B 41 -2.15 -3.55 -7.93
N GLY B 42 -3.01 -4.57 -8.03
CA GLY B 42 -2.81 -5.84 -7.34
C GLY B 42 -3.63 -5.96 -6.05
N ALA B 43 -3.43 -7.09 -5.37
CA ALA B 43 -4.35 -7.53 -4.33
C ALA B 43 -4.09 -6.83 -2.99
N VAL B 44 -5.17 -6.31 -2.40
CA VAL B 44 -5.14 -5.62 -1.11
C VAL B 44 -5.83 -6.52 -0.11
N ALA B 45 -5.15 -6.87 0.96
CA ALA B 45 -5.74 -7.71 1.98
C ALA B 45 -6.62 -6.89 2.90
N SER B 46 -7.70 -7.51 3.36
CA SER B 46 -8.45 -7.01 4.50
C SER B 46 -8.61 -8.13 5.50
N ASN B 47 -8.36 -7.85 6.76
CA ASN B 47 -8.45 -8.83 7.77
C ASN B 47 -9.58 -8.58 8.74
N GLY B 48 -10.19 -9.66 9.21
CA GLY B 48 -11.12 -9.58 10.32
C GLY B 48 -10.95 -10.74 11.26
N LEU B 49 -11.94 -11.02 12.12
CA LEU B 49 -11.70 -12.01 13.17
C LEU B 49 -12.84 -13.03 13.23
N ILE B 50 -12.46 -14.24 13.66
CA ILE B 50 -13.38 -15.31 14.04
C ILE B 50 -13.03 -15.70 15.47
N VAL B 51 -14.04 -15.77 16.34
CA VAL B 51 -13.88 -16.05 17.76
C VAL B 51 -14.84 -17.16 18.17
N ARG B 52 -14.31 -18.24 18.72
CA ARG B 52 -15.12 -19.24 19.39
C ARG B 52 -15.39 -18.88 20.83
N ASP B 53 -16.65 -19.01 21.20
CA ASP B 53 -17.13 -18.69 22.55
C ASP B 53 -18.03 -19.87 22.94
N GLY B 54 -17.40 -20.95 23.40
CA GLY B 54 -18.07 -22.17 23.77
C GLY B 54 -18.69 -22.89 22.60
N GLY B 55 -20.00 -23.01 22.62
CA GLY B 55 -20.71 -23.69 21.56
C GLY B 55 -21.09 -22.85 20.35
N ARG B 56 -20.61 -21.60 20.29
CA ARG B 56 -20.90 -20.72 19.18
C ARG B 56 -19.65 -19.99 18.70
N VAL B 57 -19.86 -19.39 17.53
CA VAL B 57 -18.87 -18.60 16.81
C VAL B 57 -19.33 -17.16 16.65
N LEU B 58 -18.36 -16.24 16.79
CA LEU B 58 -18.62 -14.81 16.59
C LEU B 58 -17.67 -14.25 15.54
N VAL B 59 -18.17 -13.35 14.69
CA VAL B 59 -17.42 -12.83 13.55
C VAL B 59 -17.24 -11.32 13.68
N VAL B 60 -16.03 -10.83 13.40
CA VAL B 60 -15.78 -9.40 13.28
C VAL B 60 -15.38 -9.15 11.83
N ASP B 61 -16.24 -8.41 11.13
CA ASP B 61 -16.08 -7.90 9.78
C ASP B 61 -16.33 -8.94 8.71
N THR B 62 -16.87 -8.51 7.60
CA THR B 62 -17.08 -9.36 6.49
C THR B 62 -15.83 -9.32 5.66
N ALA B 63 -15.85 -10.03 4.55
CA ALA B 63 -14.83 -9.98 3.56
C ALA B 63 -15.26 -8.93 2.55
N TRP B 64 -14.51 -8.70 1.49
CA TRP B 64 -14.80 -7.62 0.56
C TRP B 64 -16.10 -7.87 -0.18
N THR B 65 -16.44 -9.14 -0.40
CA THR B 65 -17.60 -9.49 -1.19
C THR B 65 -18.41 -10.58 -0.51
N ASP B 66 -19.60 -10.82 -1.07
CA ASP B 66 -20.45 -11.86 -0.54
C ASP B 66 -19.81 -13.23 -0.74
N ASP B 67 -19.26 -13.48 -1.91
CA ASP B 67 -18.78 -14.81 -2.20
C ASP B 67 -17.62 -15.15 -1.26
N GLN B 68 -16.73 -14.20 -1.05
CA GLN B 68 -15.66 -14.37 -0.09
C GLN B 68 -16.22 -14.57 1.31
N THR B 69 -17.23 -13.78 1.68
CA THR B 69 -17.82 -13.93 3.01
C THR B 69 -18.50 -15.29 3.17
N ALA B 70 -19.19 -15.76 2.12
CA ALA B 70 -19.67 -17.14 2.11
C ALA B 70 -18.52 -18.13 2.32
N GLN B 71 -17.35 -17.84 1.75
CA GLN B 71 -16.21 -18.75 1.96
C GLN B 71 -15.75 -18.75 3.40
N ILE B 72 -15.84 -17.60 4.08
CA ILE B 72 -15.55 -17.55 5.51
C ILE B 72 -16.48 -18.50 6.25
N LEU B 73 -17.79 -18.45 5.93
CA LEU B 73 -18.76 -19.26 6.65
C LEU B 73 -18.53 -20.73 6.37
N ASN B 74 -17.98 -21.05 5.22
CA ASN B 74 -17.65 -22.41 4.83
C ASN B 74 -16.43 -22.91 5.60
N TRP B 75 -15.41 -22.07 5.75
CA TRP B 75 -14.23 -22.43 6.55
C TRP B 75 -14.60 -22.70 8.00
N ILE B 76 -15.46 -21.85 8.59
CA ILE B 76 -15.95 -22.05 9.95
C ILE B 76 -16.63 -23.41 10.07
N LYS B 77 -17.49 -23.71 9.15
CA LYS B 77 -18.16 -24.97 9.19
C LYS B 77 -17.19 -26.12 9.25
N GLN B 78 -16.11 -26.04 8.52
CA GLN B 78 -15.27 -27.21 8.44
C GLN B 78 -14.21 -27.27 9.52
N GLU B 79 -13.60 -26.13 9.85
CA GLU B 79 -12.57 -26.19 10.88
C GLU B 79 -13.13 -26.13 12.29
N ILE B 80 -14.29 -25.51 12.46
CA ILE B 80 -14.89 -25.31 13.79
C ILE B 80 -16.16 -26.12 13.95
N ASN B 81 -17.03 -26.07 12.96
CA ASN B 81 -18.30 -26.79 12.96
C ASN B 81 -19.21 -26.41 14.09
N LEU B 82 -19.37 -25.11 14.25
CA LEU B 82 -20.26 -24.56 15.25
C LEU B 82 -21.01 -23.38 14.63
N PRO B 83 -22.16 -23.01 15.18
CA PRO B 83 -22.97 -21.95 14.55
C PRO B 83 -22.45 -20.55 14.84
N VAL B 84 -22.51 -19.69 13.82
CA VAL B 84 -22.18 -18.27 13.96
C VAL B 84 -23.38 -17.56 14.56
N ALA B 85 -23.24 -17.04 15.78
CA ALA B 85 -24.33 -16.37 16.48
C ALA B 85 -24.56 -14.94 15.98
N LEU B 86 -23.51 -14.24 15.59
CA LEU B 86 -23.58 -12.84 15.24
C LEU B 86 -22.28 -12.36 14.60
N ALA B 87 -22.38 -11.24 13.89
CA ALA B 87 -21.19 -10.60 13.34
C ALA B 87 -21.24 -9.13 13.71
N VAL B 88 -20.09 -8.57 14.07
CA VAL B 88 -19.96 -7.13 14.24
C VAL B 88 -19.11 -6.61 13.10
N VAL B 89 -19.58 -5.56 12.43
CA VAL B 89 -18.88 -4.90 11.35
C VAL B 89 -18.44 -3.51 11.81
N THR B 90 -17.22 -3.15 11.46
CA THR B 90 -16.55 -2.02 12.03
C THR B 90 -16.55 -0.65 11.40
N HIS B 91 -17.13 -0.54 10.22
CA HIS B 91 -17.42 0.70 9.55
C HIS B 91 -18.00 0.48 8.21
N ALA B 92 -18.58 1.53 7.65
CA ALA B 92 -19.29 1.44 6.38
C ALA B 92 -18.36 1.69 5.21
N HIS B 93 -17.43 0.75 5.03
CA HIS B 93 -16.62 0.62 3.84
C HIS B 93 -16.65 -0.83 3.33
N GLN B 94 -16.30 -0.99 2.06
CA GLN B 94 -16.43 -2.29 1.40
C GLN B 94 -15.62 -3.36 2.11
N ASP B 95 -14.40 -3.05 2.54
CA ASP B 95 -13.56 -4.08 3.15
C ASP B 95 -14.17 -4.65 4.43
N LYS B 96 -15.07 -3.94 5.09
CA LYS B 96 -15.67 -4.41 6.33
C LYS B 96 -17.13 -4.81 6.27
N MET B 97 -17.83 -4.33 5.27
CA MET B 97 -19.28 -4.56 5.16
C MET B 97 -19.68 -4.98 3.75
N GLY B 98 -18.71 -5.31 2.88
CA GLY B 98 -19.00 -5.71 1.52
C GLY B 98 -19.78 -7.01 1.44
N GLY B 99 -19.63 -7.88 2.43
CA GLY B 99 -20.27 -9.17 2.37
C GLY B 99 -21.49 -9.35 3.26
N MET B 100 -22.19 -8.26 3.59
CA MET B 100 -23.33 -8.37 4.50
C MET B 100 -24.37 -9.36 3.98
N ASP B 101 -24.70 -9.29 2.69
CA ASP B 101 -25.75 -10.15 2.14
C ASP B 101 -25.52 -11.63 2.43
N ALA B 102 -24.27 -12.09 2.32
CA ALA B 102 -23.95 -13.47 2.65
C ALA B 102 -24.21 -13.79 4.11
N LEU B 103 -23.88 -12.87 5.02
CA LEU B 103 -24.24 -13.12 6.42
C LEU B 103 -25.74 -13.21 6.61
N HIS B 104 -26.51 -12.34 5.95
CA HIS B 104 -27.96 -12.36 6.12
C HIS B 104 -28.59 -13.59 5.47
N ALA B 105 -28.14 -13.96 4.28
CA ALA B 105 -28.57 -15.21 3.67
C ALA B 105 -28.39 -16.40 4.61
N ALA B 106 -27.30 -16.41 5.38
CA ALA B 106 -26.99 -17.48 6.31
C ALA B 106 -27.82 -17.43 7.60
N GLY B 107 -28.53 -16.33 7.86
CA GLY B 107 -29.30 -16.20 9.07
C GLY B 107 -28.53 -15.68 10.24
N ILE B 108 -27.41 -14.99 10.01
CA ILE B 108 -26.53 -14.52 11.07
C ILE B 108 -26.95 -13.11 11.43
N ALA B 109 -27.21 -12.87 12.70
CA ALA B 109 -27.54 -11.53 13.15
C ALA B 109 -26.36 -10.59 13.01
N THR B 110 -26.61 -9.39 12.50
CA THR B 110 -25.53 -8.45 12.19
C THR B 110 -25.71 -7.18 13.01
N TYR B 111 -24.57 -6.63 13.44
CA TYR B 111 -24.50 -5.50 14.34
C TYR B 111 -23.45 -4.53 13.81
N ALA B 112 -23.76 -3.24 13.81
CA ALA B 112 -22.82 -2.18 13.48
C ALA B 112 -23.19 -0.92 14.26
N ASN B 113 -22.27 0.01 14.28
CA ASN B 113 -22.48 1.30 14.86
C ASN B 113 -23.72 1.87 14.18
N ALA B 114 -24.61 2.44 14.95
CA ALA B 114 -25.80 3.05 14.34
C ALA B 114 -25.42 3.99 13.19
N LEU B 115 -24.30 4.73 13.35
CA LEU B 115 -23.85 5.64 12.27
C LEU B 115 -23.41 4.86 11.03
N SER B 116 -22.76 3.70 11.21
CA SER B 116 -22.40 2.90 10.05
C SER B 116 -23.66 2.48 9.32
N ASN B 117 -24.71 2.16 10.05
CA ASN B 117 -25.95 1.74 9.44
C ASN B 117 -26.59 2.89 8.70
N GLN B 118 -26.41 4.11 9.19
CA GLN B 118 -26.97 5.28 8.52
C GLN B 118 -26.12 5.64 7.31
N LEU B 119 -24.80 5.45 7.41
CA LEU B 119 -23.91 5.70 6.27
C LEU B 119 -23.93 4.59 5.22
N ALA B 120 -24.33 3.38 5.56
CA ALA B 120 -24.25 2.26 4.66
C ALA B 120 -24.90 2.55 3.31
N PRO B 121 -26.18 2.94 3.28
CA PRO B 121 -26.86 3.18 1.98
C PRO B 121 -26.21 4.25 1.13
N GLN B 122 -25.58 5.25 1.74
N GLN B 122 -25.58 5.25 1.76
CA GLN B 122 -24.84 6.25 0.99
CA GLN B 122 -24.84 6.27 1.02
C GLN B 122 -23.61 5.66 0.34
C GLN B 122 -23.59 5.69 0.37
N GLU B 123 -22.97 4.69 1.01
CA GLU B 123 -21.77 4.04 0.49
C GLU B 123 -22.10 2.76 -0.28
N GLY B 124 -23.32 2.64 -0.84
CA GLY B 124 -23.76 1.49 -1.61
C GLY B 124 -24.08 0.24 -0.80
N MET B 125 -23.62 0.16 0.45
CA MET B 125 -23.64 -1.03 1.28
C MET B 125 -25.04 -1.28 1.85
N VAL B 126 -25.18 -2.49 2.41
CA VAL B 126 -26.33 -2.95 3.15
C VAL B 126 -26.07 -2.75 4.63
N ALA B 127 -27.00 -2.10 5.32
CA ALA B 127 -26.91 -1.92 6.75
C ALA B 127 -26.95 -3.23 7.50
N ALA B 128 -26.19 -3.33 8.58
CA ALA B 128 -26.41 -4.36 9.59
C ALA B 128 -27.83 -4.31 10.11
N GLN B 129 -28.32 -5.43 10.63
CA GLN B 129 -29.69 -5.49 11.05
C GLN B 129 -29.94 -4.91 12.44
N HIS B 130 -28.87 -4.58 13.16
CA HIS B 130 -28.97 -4.04 14.52
C HIS B 130 -27.94 -2.93 14.69
N SER B 131 -28.32 -1.93 15.45
CA SER B 131 -27.48 -0.76 15.65
C SER B 131 -26.86 -0.79 17.05
N LEU B 132 -25.57 -0.54 17.10
CA LEU B 132 -24.86 -0.40 18.34
C LEU B 132 -24.78 1.07 18.69
N THR B 133 -24.91 1.40 19.95
CA THR B 133 -24.77 2.79 20.38
C THR B 133 -23.74 2.85 21.47
N PHE B 134 -23.22 4.04 21.70
CA PHE B 134 -22.12 4.23 22.59
C PHE B 134 -22.22 5.33 23.61
N ALA B 135 -21.53 5.16 24.71
CA ALA B 135 -21.51 6.17 25.76
C ALA B 135 -20.53 7.29 25.39
N ALA B 136 -20.64 8.41 26.11
CA ALA B 136 -19.74 9.54 25.89
C ALA B 136 -18.27 9.19 26.03
N ASN B 137 -17.95 8.11 26.73
CA ASN B 137 -16.61 7.63 26.84
C ASN B 137 -16.21 6.55 25.83
N GLY B 138 -17.12 6.18 24.92
CA GLY B 138 -16.83 5.32 23.81
C GLY B 138 -17.27 3.89 24.00
N TRP B 139 -17.54 3.45 25.23
CA TRP B 139 -17.93 2.07 25.45
C TRP B 139 -19.35 1.82 24.97
N VAL B 140 -19.53 0.68 24.28
CA VAL B 140 -20.84 0.33 23.78
C VAL B 140 -21.86 0.29 24.92
N GLU B 141 -23.04 0.77 24.63
CA GLU B 141 -24.20 0.63 25.51
C GLU B 141 -24.58 -0.85 25.61
N PRO B 142 -24.53 -1.46 26.80
CA PRO B 142 -24.69 -2.91 26.88
C PRO B 142 -25.97 -3.44 26.27
N ALA B 143 -27.09 -2.81 26.57
CA ALA B 143 -28.36 -3.29 26.02
C ALA B 143 -28.37 -3.30 24.49
N THR B 144 -27.48 -2.56 23.84
CA THR B 144 -27.45 -2.64 22.38
C THR B 144 -26.59 -3.80 21.90
N ALA B 145 -25.83 -4.42 22.79
CA ALA B 145 -24.89 -5.48 22.45
C ALA B 145 -25.23 -6.78 23.19
N PRO B 146 -26.42 -7.35 22.95
CA PRO B 146 -26.84 -8.51 23.74
C PRO B 146 -26.03 -9.76 23.38
N ASN B 147 -25.63 -10.50 24.38
CA ASN B 147 -24.93 -11.76 24.22
C ASN B 147 -23.68 -11.71 23.37
N PHE B 148 -22.89 -10.68 23.53
CA PHE B 148 -21.68 -10.54 22.75
C PHE B 148 -20.52 -11.36 23.28
N GLY B 149 -20.70 -12.06 24.40
CA GLY B 149 -19.64 -12.87 24.94
C GLY B 149 -18.38 -12.03 25.10
N PRO B 150 -17.24 -12.53 24.60
CA PRO B 150 -15.96 -11.83 24.79
C PRO B 150 -15.79 -10.58 23.96
N LEU B 151 -16.71 -10.29 23.03
CA LEU B 151 -16.57 -9.12 22.17
C LEU B 151 -16.85 -7.88 23.00
N LYS B 152 -15.83 -7.06 23.22
CA LYS B 152 -15.92 -5.82 23.99
C LYS B 152 -15.76 -4.68 22.98
N VAL B 153 -16.83 -4.06 22.60
CA VAL B 153 -16.81 -3.08 21.51
C VAL B 153 -16.68 -1.67 22.07
N PHE B 154 -15.86 -0.86 21.41
CA PHE B 154 -15.38 0.43 21.88
C PHE B 154 -15.35 1.34 20.66
N TYR B 155 -15.99 2.49 20.76
CA TYR B 155 -15.90 3.49 19.74
C TYR B 155 -14.89 4.51 20.19
N PRO B 156 -13.80 4.71 19.47
CA PRO B 156 -12.68 5.48 19.99
C PRO B 156 -12.73 6.96 19.64
N GLY B 157 -13.74 7.35 18.86
CA GLY B 157 -13.80 8.66 18.29
C GLY B 157 -13.44 8.60 16.83
N PRO B 158 -13.65 9.70 16.12
CA PRO B 158 -13.52 9.67 14.66
C PRO B 158 -12.05 9.63 14.28
N GLY B 159 -11.76 8.87 13.23
CA GLY B 159 -10.38 8.68 12.86
C GLY B 159 -10.30 8.38 11.39
N HIS B 160 -10.09 7.11 11.05
CA HIS B 160 -10.11 6.67 9.67
C HIS B 160 -11.47 7.00 9.06
N THR B 161 -12.54 6.81 9.83
CA THR B 161 -13.86 7.34 9.50
C THR B 161 -14.53 7.89 10.75
N SER B 162 -15.66 8.58 10.55
CA SER B 162 -16.41 9.03 11.71
C SER B 162 -17.04 7.87 12.47
N ASP B 163 -17.32 6.76 11.80
CA ASP B 163 -18.07 5.66 12.40
C ASP B 163 -17.20 4.49 12.86
N ASN B 164 -15.90 4.53 12.66
CA ASN B 164 -15.08 3.41 12.99
C ASN B 164 -15.16 2.89 14.43
N ILE B 165 -15.31 1.59 14.59
CA ILE B 165 -15.36 0.98 15.90
C ILE B 165 -14.27 -0.09 16.05
N THR B 166 -13.98 -0.43 17.29
CA THR B 166 -12.92 -1.39 17.60
C THR B 166 -13.46 -2.45 18.55
N VAL B 167 -12.77 -3.58 18.66
CA VAL B 167 -13.27 -4.71 19.43
C VAL B 167 -12.12 -5.36 20.18
N GLY B 168 -12.17 -5.39 21.51
CA GLY B 168 -11.26 -6.20 22.31
C GLY B 168 -11.87 -7.58 22.47
N ILE B 169 -11.03 -8.59 22.47
CA ILE B 169 -11.44 -9.97 22.77
C ILE B 169 -11.06 -10.28 24.21
N ASP B 170 -12.07 -10.22 25.06
CA ASP B 170 -11.90 -10.46 26.49
C ASP B 170 -11.43 -11.89 26.76
N GLY B 171 -10.54 -12.02 27.72
CA GLY B 171 -9.96 -13.27 28.06
C GLY B 171 -8.81 -13.66 27.16
N THR B 172 -8.33 -12.68 26.44
CA THR B 172 -7.20 -12.77 25.57
C THR B 172 -6.38 -11.51 25.62
N ASP B 173 -5.26 -11.59 24.91
CA ASP B 173 -4.25 -10.56 24.74
C ASP B 173 -4.55 -9.71 23.51
N ILE B 174 -5.65 -9.98 22.84
CA ILE B 174 -5.94 -9.38 21.58
C ILE B 174 -6.98 -8.28 21.52
N ALA B 175 -6.69 -7.27 20.73
CA ALA B 175 -7.65 -6.23 20.46
C ALA B 175 -7.59 -5.90 18.99
N PHE B 176 -8.74 -5.60 18.40
CA PHE B 176 -8.86 -5.35 16.98
C PHE B 176 -9.11 -3.87 16.76
N GLY B 177 -8.21 -3.24 16.02
CA GLY B 177 -8.29 -1.85 15.67
C GLY B 177 -8.92 -1.56 14.33
N GLY B 178 -9.25 -2.57 13.53
CA GLY B 178 -9.85 -2.32 12.23
C GLY B 178 -8.99 -1.40 11.38
N CYS B 179 -9.65 -0.46 10.68
CA CYS B 179 -8.98 0.42 9.73
C CYS B 179 -8.42 1.65 10.43
N LEU B 180 -8.73 1.81 11.70
CA LEU B 180 -8.19 2.92 12.44
C LEU B 180 -6.69 2.79 12.65
N ILE B 181 -6.18 1.57 12.84
CA ILE B 181 -4.80 1.35 13.22
C ILE B 181 -4.02 0.78 12.03
N LYS B 182 -2.86 1.34 11.78
CA LYS B 182 -1.90 0.89 10.80
C LYS B 182 -0.68 0.34 11.51
N ASP B 183 0.16 -0.39 10.78
CA ASP B 183 1.18 -1.18 11.44
C ASP B 183 2.36 -0.30 11.91
N SER B 184 3.16 -0.87 12.81
CA SER B 184 4.21 -0.11 13.47
C SER B 184 5.30 0.37 12.51
N LYS B 185 5.32 -0.14 11.27
CA LYS B 185 6.32 0.29 10.30
C LYS B 185 5.67 0.99 9.10
N ALA B 186 4.42 1.43 9.24
CA ALA B 186 3.66 1.95 8.11
C ALA B 186 4.13 3.35 7.74
N LYS B 187 4.32 3.59 6.46
CA LYS B 187 4.72 4.91 5.98
C LYS B 187 3.55 5.89 5.88
N SER B 188 2.33 5.46 6.16
CA SER B 188 1.17 6.31 5.96
C SER B 188 0.03 5.75 6.79
N LEU B 189 -1.04 6.54 6.88
CA LEU B 189 -2.28 6.12 7.53
C LEU B 189 -3.26 5.47 6.56
N GLY B 190 -2.78 4.99 5.41
CA GLY B 190 -3.71 4.40 4.46
C GLY B 190 -4.67 5.43 3.87
N ASN B 191 -5.89 5.00 3.61
CA ASN B 191 -6.92 5.85 3.04
C ASN B 191 -7.51 6.85 3.98
N LEU B 192 -7.20 8.11 3.78
CA LEU B 192 -7.78 9.17 4.60
C LEU B 192 -8.97 9.84 3.93
N GLY B 193 -9.50 9.24 2.86
CA GLY B 193 -10.56 9.90 2.10
C GLY B 193 -11.71 10.37 2.97
N ASP B 194 -12.06 9.58 3.98
CA ASP B 194 -13.16 9.91 4.88
C ASP B 194 -12.72 10.17 6.32
N ALA B 195 -11.42 10.42 6.51
CA ALA B 195 -10.82 10.52 7.84
C ALA B 195 -11.15 11.84 8.50
N ASP B 196 -10.99 11.86 9.83
CA ASP B 196 -11.09 13.05 10.65
C ASP B 196 -9.67 13.38 11.09
N THR B 197 -9.03 14.25 10.31
CA THR B 197 -7.63 14.59 10.55
C THR B 197 -7.43 15.28 11.89
N GLU B 198 -8.44 16.02 12.35
CA GLU B 198 -8.30 16.78 13.60
C GLU B 198 -8.30 15.86 14.81
N HIS B 199 -9.16 14.85 14.85
CA HIS B 199 -9.29 14.02 16.05
C HIS B 199 -8.71 12.63 15.91
N TYR B 200 -8.11 12.29 14.76
CA TYR B 200 -7.60 10.94 14.54
C TYR B 200 -6.63 10.50 15.63
N ALA B 201 -5.73 11.37 16.04
CA ALA B 201 -4.68 10.92 16.95
C ALA B 201 -5.22 10.62 18.36
N ALA B 202 -6.07 11.50 18.89
CA ALA B 202 -6.71 11.19 20.16
C ALA B 202 -7.51 9.90 20.09
N SER B 203 -8.13 9.63 18.95
CA SER B 203 -8.93 8.41 18.80
C SER B 203 -8.03 7.17 18.83
N ALA B 204 -6.93 7.20 18.09
CA ALA B 204 -5.96 6.10 18.13
C ALA B 204 -5.52 5.86 19.56
N ARG B 205 -5.15 6.94 20.26
CA ARG B 205 -4.75 6.77 21.66
C ARG B 205 -5.91 6.29 22.53
N ALA B 206 -7.14 6.72 22.23
CA ALA B 206 -8.23 6.27 23.08
C ALA B 206 -8.46 4.78 22.92
N PHE B 207 -8.25 4.24 21.72
CA PHE B 207 -8.29 2.79 21.54
C PHE B 207 -7.24 2.11 22.39
N GLY B 208 -6.01 2.62 22.37
CA GLY B 208 -4.98 2.00 23.18
C GLY B 208 -5.33 2.05 24.65
N ALA B 209 -5.93 3.17 25.09
CA ALA B 209 -6.30 3.30 26.49
C ALA B 209 -7.49 2.42 26.85
N ALA B 210 -8.38 2.14 25.91
CA ALA B 210 -9.46 1.27 26.29
C ALA B 210 -9.04 -0.17 26.48
N PHE B 211 -8.01 -0.62 25.80
CA PHE B 211 -7.52 -1.98 25.94
C PHE B 211 -6.06 -1.93 26.32
N PRO B 212 -5.77 -1.48 27.53
CA PRO B 212 -4.37 -1.16 27.85
C PRO B 212 -3.45 -2.35 28.02
N LYS B 213 -3.99 -3.56 28.18
CA LYS B 213 -3.19 -4.77 28.40
C LYS B 213 -3.16 -5.66 27.17
N ALA B 214 -3.88 -5.31 26.10
CA ALA B 214 -3.77 -6.04 24.85
C ALA B 214 -2.37 -5.90 24.28
N SER B 215 -1.72 -7.03 24.04
CA SER B 215 -0.40 -7.05 23.47
C SER B 215 -0.35 -7.39 22.01
N MET B 216 -1.40 -8.01 21.48
CA MET B 216 -1.47 -8.35 20.06
C MET B 216 -2.55 -7.47 19.48
N ILE B 217 -2.14 -6.56 18.59
CA ILE B 217 -3.07 -5.65 17.93
C ILE B 217 -3.33 -6.13 16.51
N VAL B 218 -4.59 -6.48 16.22
CA VAL B 218 -5.00 -6.94 14.90
C VAL B 218 -5.60 -5.73 14.21
N MET B 219 -5.35 -5.61 12.91
CA MET B 219 -5.80 -4.47 12.13
C MET B 219 -6.18 -4.93 10.73
N SER B 220 -6.89 -4.08 9.99
CA SER B 220 -7.47 -4.53 8.74
C SER B 220 -6.44 -4.84 7.67
N HIS B 221 -5.31 -4.12 7.62
CA HIS B 221 -4.52 -4.11 6.40
C HIS B 221 -3.05 -4.51 6.62
N SER B 222 -2.72 -5.14 7.75
CA SER B 222 -1.38 -5.68 8.00
C SER B 222 -1.47 -6.85 8.96
N ALA B 223 -0.37 -7.57 9.09
CA ALA B 223 -0.28 -8.67 10.03
C ALA B 223 -0.49 -8.17 11.45
N PRO B 224 -0.88 -9.07 12.37
CA PRO B 224 -0.98 -8.64 13.77
C PRO B 224 0.35 -8.09 14.25
N ASP B 225 0.29 -7.02 15.04
CA ASP B 225 1.48 -6.28 15.44
C ASP B 225 1.43 -6.04 16.94
N SER B 226 2.40 -5.28 17.44
CA SER B 226 2.48 -4.99 18.85
C SER B 226 1.74 -3.70 19.13
N ARG B 227 1.89 -3.20 20.36
CA ARG B 227 1.34 -1.90 20.72
C ARG B 227 2.01 -0.76 19.99
N ALA B 228 3.24 -0.95 19.48
CA ALA B 228 3.84 0.02 18.56
C ALA B 228 2.93 0.37 17.38
N ALA B 229 1.99 -0.49 16.99
CA ALA B 229 1.07 -0.12 15.93
C ALA B 229 0.17 1.04 16.35
N ILE B 230 -0.29 1.01 17.60
CA ILE B 230 -1.06 2.09 18.17
C ILE B 230 -0.22 3.36 18.22
N THR B 231 0.93 3.28 18.88
CA THR B 231 1.67 4.51 19.15
C THR B 231 2.19 5.14 17.88
N HIS B 232 2.58 4.32 16.90
CA HIS B 232 3.03 4.85 15.61
C HIS B 232 1.87 5.43 14.82
N THR B 233 0.73 4.75 14.79
CA THR B 233 -0.44 5.31 14.12
C THR B 233 -0.76 6.67 14.72
N ALA B 234 -0.71 6.77 16.04
CA ALA B 234 -1.00 8.05 16.67
C ALA B 234 0.07 9.08 16.35
N ARG B 235 1.31 8.65 16.19
CA ARG B 235 2.36 9.61 15.86
C ARG B 235 2.16 10.14 14.44
N MET B 236 1.88 9.25 13.49
CA MET B 236 1.54 9.71 12.16
C MET B 236 0.37 10.68 12.20
N ALA B 237 -0.59 10.45 13.09
CA ALA B 237 -1.81 11.25 13.08
C ALA B 237 -1.57 12.62 13.72
N ASP B 238 -0.68 12.68 14.72
CA ASP B 238 -0.25 13.96 15.27
C ASP B 238 0.11 14.94 14.16
N LYS B 239 0.75 14.44 13.09
CA LYS B 239 1.18 15.26 11.96
C LYS B 239 0.04 15.76 11.11
N LEU B 240 -1.18 15.27 11.32
CA LEU B 240 -2.28 15.74 10.49
C LEU B 240 -2.88 17.04 11.01
N ARG B 241 -2.71 17.37 12.29
CA ARG B 241 -3.30 18.58 12.85
C ARG B 241 -2.31 19.73 12.79
ZN ZN C . 5.53 -1.33 -11.93
ZN ZN D . 5.43 0.88 -9.13
N01 60J E . 1.62 1.58 -9.77
C02 60J E . 2.07 0.83 -8.63
N03 60J E . 3.28 0.26 -8.52
C04 60J E . 3.52 -0.40 -7.37
C05 60J E . 4.86 -1.08 -7.16
O06 60J E . 5.79 -0.80 -7.95
O07 60J E . 5.09 -1.88 -6.22
C08 60J E . 2.45 -0.44 -6.47
C09 60J E . 2.42 -1.06 -5.09
C10 60J E . 2.97 0.03 -4.16
C11 60J E . 3.53 -0.53 -2.89
C12 60J E . 4.89 -0.75 -2.59
C13 60J E . 5.09 -1.29 -1.28
C14 60J E . 3.89 -1.50 -0.56
S15 60J E . 2.61 -1.00 -1.55
S16 60J E . 1.24 0.47 -7.21
H1 60J E . 0.84 1.96 -9.75
H2 60J E . 2.12 1.66 -10.47
H4 60J E . 1.51 -1.29 -4.84
H5 60J E . 2.99 -1.84 -5.06
H6 60J E . 3.66 0.51 -4.62
H7 60J E . 2.25 0.64 -3.94
H8 60J E . 5.58 -0.56 -3.17
H9 60J E . 5.93 -1.49 -0.94
H10 60J E . 3.82 -1.84 0.30
ZN ZN F . -12.38 2.06 5.80
ZN ZN G . -9.77 -0.31 5.17
N01 60J H . -10.49 -0.64 1.33
C02 60J H . -9.32 0.01 1.88
N03 60J H . -9.17 0.51 3.11
C04 60J H . -7.95 1.06 3.38
C05 60J H . -7.73 1.64 4.75
O06 60J H . -8.61 1.38 5.62
O07 60J H . -6.71 2.35 5.01
C08 60J H . -7.01 1.02 2.33
C09 60J H . -5.57 1.52 2.32
C10 60J H . -4.69 0.33 2.72
C11 60J H . -3.34 0.72 3.36
C12 60J H . -2.98 0.69 4.72
C13 60J H . -1.64 1.13 4.97
C14 60J H . -0.93 1.51 3.81
S15 60J H . -2.00 1.28 2.51
S16 60J H . -7.85 0.26 1.08
H1 60J H . -10.53 -0.81 0.48
H2 60J H . -11.15 -0.84 1.84
H4 60J H . -5.33 1.82 1.43
H5 60J H . -5.45 2.25 2.95
H6 60J H . -5.18 -0.20 3.36
H7 60J H . -4.51 -0.20 1.94
H8 60J H . -3.55 0.41 5.40
H9 60J H . -1.26 1.16 5.82
H10 60J H . -0.06 1.81 3.76
#